data_2PQT
#
_entry.id   2PQT
#
_cell.length_a   37.274
_cell.length_b   44.975
_cell.length_c   83.959
_cell.angle_alpha   90.00
_cell.angle_beta   99.17
_cell.angle_gamma   90.00
#
_symmetry.space_group_name_H-M   'P 1 21 1'
#
loop_
_entity.id
_entity.type
_entity.pdbx_description
1 polymer 'Arylamine N-acetyltransferase 1'
2 non-polymer 'CHLORIDE ION'
3 non-polymer 'UNKNOWN ATOM OR ION'
4 water water
#
_entity_poly.entity_id   1
_entity_poly.type   'polypeptide(L)'
_entity_poly.pdbx_seq_one_letter_code
;GSGSGSDIEAYFERIGYKKSRNKLDLETLTDILQHQIRAVPFENLNIHCGDAMDLGLEAIFDQVVRRNRGGW(TYX)LQV
NHLLYWALTTIGFETTMLGGYVYSTPAKKYSTGMIHLLLQVTIDGRNYIVDAGFGRSYQMWQPLELISGKDQPQVPCVFR
LTEENGFWYLDQIRREQYIPNEEFLHSDLLEDSKYRKIYSFTLKPRTIEDFESMNTYLQTSPSSVFTSKSFCSLQTPDGV
HCLVGFTLTHRRFNYKDNTDLIEFKTLSEEEIEKVLKNIFNISLQRKLVPKHGDRFFTI
;
_entity_poly.pdbx_strand_id   A
#
# COMPACT_ATOMS: atom_id res chain seq x y z
N GLY A 1 24.79 4.50 -13.73
CA GLY A 1 24.22 5.57 -14.62
C GLY A 1 22.70 5.44 -14.74
N SER A 2 22.14 6.07 -15.78
CA SER A 2 20.69 6.18 -15.96
C SER A 2 20.21 5.74 -17.36
N GLY A 3 21.09 5.09 -18.12
CA GLY A 3 20.78 4.68 -19.48
C GLY A 3 20.44 3.20 -19.56
N SER A 4 20.85 2.60 -20.66
CA SER A 4 20.55 1.19 -20.92
C SER A 4 21.26 0.26 -19.93
N GLY A 5 20.48 -0.63 -19.31
CA GLY A 5 21.00 -1.58 -18.31
C GLY A 5 20.93 -1.06 -16.88
N SER A 6 20.51 0.21 -16.70
CA SER A 6 20.55 0.87 -15.41
C SER A 6 19.37 0.43 -14.50
N ASP A 7 19.55 0.64 -13.21
CA ASP A 7 18.51 0.29 -12.26
C ASP A 7 17.27 1.13 -12.45
N ILE A 8 17.43 2.42 -12.68
CA ILE A 8 16.25 3.31 -12.86
C ILE A 8 15.42 2.94 -14.09
N GLU A 9 16.09 2.59 -15.20
CA GLU A 9 15.44 1.98 -16.38
C GLU A 9 14.62 0.72 -16.04
N ALA A 10 15.23 -0.20 -15.29
CA ALA A 10 14.59 -1.46 -14.89
C ALA A 10 13.38 -1.20 -13.96
N TYR A 11 13.50 -0.20 -13.08
CA TYR A 11 12.39 0.21 -12.19
C TYR A 11 11.19 0.67 -13.05
N PHE A 12 11.44 1.57 -13.99
CA PHE A 12 10.35 2.07 -14.85
C PHE A 12 9.77 0.98 -15.73
N GLU A 13 10.60 0.08 -16.24
CA GLU A 13 10.07 -1.08 -16.96
C GLU A 13 9.14 -1.89 -16.04
N ARG A 14 9.58 -2.12 -14.82
CA ARG A 14 8.82 -2.94 -13.85
C ARG A 14 7.42 -2.37 -13.58
N ILE A 15 7.31 -1.04 -13.54
CA ILE A 15 6.02 -0.37 -13.26
C ILE A 15 5.25 0.02 -14.57
N GLY A 16 5.82 -0.32 -15.72
CA GLY A 16 5.17 -0.11 -17.04
C GLY A 16 5.05 1.35 -17.43
N TYR A 17 6.02 2.15 -16.97
CA TYR A 17 6.04 3.56 -17.18
C TYR A 17 6.98 3.86 -18.35
N LYS A 18 6.37 4.13 -19.49
CA LYS A 18 7.05 4.31 -20.78
C LYS A 18 7.10 5.76 -21.19
N LYS A 19 6.40 6.63 -20.45
CA LYS A 19 6.36 8.05 -20.76
C LYS A 19 7.73 8.68 -20.54
N SER A 20 7.96 9.78 -21.23
CA SER A 20 9.13 10.62 -20.99
C SER A 20 8.73 12.06 -21.32
N ARG A 21 7.89 12.62 -20.45
CA ARG A 21 7.50 14.03 -20.54
C ARG A 21 8.66 14.96 -20.13
N ASN A 22 9.63 14.42 -19.40
CA ASN A 22 10.86 15.14 -19.06
C ASN A 22 10.61 16.42 -18.20
N LYS A 23 9.77 16.26 -17.17
CA LYS A 23 9.43 17.30 -16.21
C LYS A 23 9.33 16.71 -14.78
N LEU A 24 9.91 17.39 -13.79
CA LEU A 24 9.78 16.98 -12.39
C LEU A 24 8.61 17.77 -11.79
N ASP A 25 7.41 17.41 -12.20
CA ASP A 25 6.21 18.13 -11.77
C ASP A 25 5.21 17.22 -11.14
N LEU A 26 4.07 17.77 -10.71
CA LEU A 26 3.04 16.96 -10.04
C LEU A 26 2.48 15.90 -10.97
N GLU A 27 2.30 16.22 -12.24
CA GLU A 27 1.85 15.25 -13.25
C GLU A 27 2.75 14.01 -13.28
N THR A 28 4.05 14.22 -13.38
CA THR A 28 5.02 13.11 -13.39
C THR A 28 5.02 12.34 -12.07
N LEU A 29 5.02 13.06 -10.95
CA LEU A 29 4.97 12.40 -9.65
C LEU A 29 3.71 11.48 -9.57
N THR A 30 2.56 12.05 -9.94
CA THR A 30 1.29 11.30 -9.98
C THR A 30 1.33 10.04 -10.88
N ASP A 31 1.79 10.21 -12.13
CA ASP A 31 2.01 9.10 -13.06
C ASP A 31 2.83 7.95 -12.45
N ILE A 32 3.95 8.28 -11.81
CA ILE A 32 4.84 7.28 -11.23
C ILE A 32 4.13 6.56 -10.08
N LEU A 33 3.51 7.33 -9.18
CA LEU A 33 2.75 6.77 -8.08
C LEU A 33 1.69 5.76 -8.64
N GLN A 34 0.89 6.22 -9.60
CA GLN A 34 -0.20 5.40 -10.19
C GLN A 34 0.35 4.16 -10.87
N HIS A 35 1.42 4.31 -11.63
CA HIS A 35 2.06 3.16 -12.27
C HIS A 35 2.57 2.19 -11.24
N GLN A 36 3.23 2.66 -10.19
CA GLN A 36 3.70 1.75 -9.15
C GLN A 36 2.56 0.98 -8.42
N ILE A 37 1.47 1.68 -8.07
CA ILE A 37 0.42 1.03 -7.28
C ILE A 37 -0.42 0.05 -8.12
N ARG A 38 -0.37 0.20 -9.46
CA ARG A 38 -0.97 -0.77 -10.40
C ARG A 38 -0.09 -1.99 -10.73
N ALA A 39 1.20 -1.91 -10.45
CA ALA A 39 2.17 -2.95 -10.82
C ALA A 39 2.77 -3.68 -9.61
N VAL A 40 3.05 -2.95 -8.53
CA VAL A 40 3.79 -3.45 -7.35
C VAL A 40 2.83 -3.65 -6.19
N PRO A 41 2.47 -4.91 -5.91
CA PRO A 41 1.51 -5.17 -4.82
C PRO A 41 2.02 -4.79 -3.43
N PHE A 42 1.10 -4.32 -2.62
CA PHE A 42 1.25 -4.32 -1.17
C PHE A 42 1.03 -5.78 -0.71
N GLU A 43 2.08 -6.43 -0.15
CA GLU A 43 1.99 -7.85 0.20
C GLU A 43 3.01 -8.19 1.27
N ASN A 44 2.76 -9.29 1.97
CA ASN A 44 3.65 -9.82 2.99
C ASN A 44 3.86 -11.33 2.82
N LEU A 45 3.76 -11.83 1.59
CA LEU A 45 3.75 -13.29 1.38
C LEU A 45 5.06 -13.97 1.78
N ASN A 46 6.19 -13.26 1.76
CA ASN A 46 7.49 -13.82 2.24
C ASN A 46 7.40 -14.42 3.67
N ILE A 47 6.73 -13.68 4.56
CA ILE A 47 6.54 -14.06 5.95
C ILE A 47 5.91 -15.45 6.03
N HIS A 48 4.96 -15.71 5.15
CA HIS A 48 4.13 -16.92 5.13
C HIS A 48 4.64 -18.05 4.22
N CYS A 49 5.82 -17.80 3.65
CA CYS A 49 6.63 -18.80 2.96
C CYS A 49 7.85 -19.20 3.79
N GLY A 50 7.98 -18.63 4.98
CA GLY A 50 9.14 -18.91 5.85
C GLY A 50 10.36 -18.02 5.59
N ASP A 51 10.19 -16.96 4.78
CA ASP A 51 11.26 -16.03 4.41
C ASP A 51 11.19 -14.68 5.15
N ALA A 52 12.26 -13.91 5.05
CA ALA A 52 12.33 -12.61 5.75
C ALA A 52 11.81 -11.50 4.86
N MET A 53 11.44 -10.38 5.49
CA MET A 53 11.20 -9.13 4.84
C MET A 53 12.46 -8.31 5.01
N ASP A 54 13.21 -8.19 3.91
CA ASP A 54 14.48 -7.47 3.89
C ASP A 54 14.28 -5.98 3.83
N LEU A 55 15.09 -5.26 4.59
CA LEU A 55 15.01 -3.78 4.64
C LEU A 55 15.99 -3.06 3.73
N GLY A 56 17.06 -3.71 3.33
CA GLY A 56 18.03 -3.09 2.47
C GLY A 56 17.48 -2.80 1.09
N LEU A 57 17.80 -1.62 0.58
CA LEU A 57 17.38 -1.21 -0.75
C LEU A 57 17.88 -2.15 -1.86
N GLU A 58 19.11 -2.63 -1.74
CA GLU A 58 19.60 -3.64 -2.71
C GLU A 58 18.70 -4.89 -2.76
N ALA A 59 18.39 -5.48 -1.60
CA ALA A 59 17.51 -6.65 -1.53
C ALA A 59 16.10 -6.30 -2.04
N ILE A 60 15.60 -5.15 -1.61
CA ILE A 60 14.25 -4.70 -2.05
C ILE A 60 14.20 -4.56 -3.57
N PHE A 61 15.21 -3.93 -4.13
CA PHE A 61 15.21 -3.70 -5.58
C PHE A 61 15.17 -5.06 -6.30
N ASP A 62 15.99 -6.00 -5.84
CA ASP A 62 16.10 -7.27 -6.51
C ASP A 62 14.76 -8.03 -6.41
N GLN A 63 14.15 -8.00 -5.24
CA GLN A 63 12.86 -8.70 -5.04
C GLN A 63 11.70 -8.05 -5.80
N VAL A 64 11.52 -6.76 -5.64
CA VAL A 64 10.39 -6.05 -6.31
C VAL A 64 10.61 -5.92 -7.81
N VAL A 65 11.76 -5.35 -8.24
CA VAL A 65 12.00 -5.10 -9.64
C VAL A 65 12.38 -6.38 -10.38
N ARG A 66 13.37 -7.14 -9.87
CA ARG A 66 13.90 -8.27 -10.66
C ARG A 66 13.07 -9.55 -10.53
N ARG A 67 12.44 -9.76 -9.37
CA ARG A 67 11.58 -10.94 -9.12
C ARG A 67 10.07 -10.67 -9.28
N ASN A 68 9.71 -9.42 -9.61
CA ASN A 68 8.32 -9.01 -9.88
C ASN A 68 7.41 -9.25 -8.68
N ARG A 69 8.00 -9.09 -7.50
CA ARG A 69 7.26 -9.17 -6.23
C ARG A 69 6.77 -7.78 -5.79
N GLY A 70 5.95 -7.78 -4.74
CA GLY A 70 5.60 -6.57 -4.06
C GLY A 70 6.22 -6.55 -2.67
N GLY A 71 5.62 -5.80 -1.76
CA GLY A 71 6.12 -5.80 -0.39
C GLY A 71 5.30 -4.92 0.51
N TRP A 72 5.76 -4.77 1.75
CA TRP A 72 5.10 -3.87 2.71
C TRP A 72 5.68 -2.46 2.67
N LEU A 74 7.83 -0.59 4.24
CA LEU A 74 9.25 -0.43 4.37
C LEU A 74 10.03 -0.87 3.11
N GLN A 75 9.38 -1.62 2.23
CA GLN A 75 9.97 -2.04 1.00
C GLN A 75 9.49 -1.17 -0.14
N VAL A 76 8.18 -1.11 -0.33
CA VAL A 76 7.68 -0.45 -1.58
C VAL A 76 7.82 1.07 -1.52
N ASN A 77 7.70 1.68 -0.31
CA ASN A 77 7.95 3.10 -0.18
C ASN A 77 9.45 3.48 -0.13
N HIS A 78 10.29 2.53 0.25
CA HIS A 78 11.71 2.75 0.25
C HIS A 78 12.17 2.75 -1.24
N LEU A 79 11.68 1.79 -2.01
CA LEU A 79 11.88 1.74 -3.46
C LEU A 79 11.39 3.04 -4.13
N LEU A 80 10.18 3.47 -3.78
CA LEU A 80 9.66 4.68 -4.36
C LEU A 80 10.52 5.93 -4.03
N TYR A 81 10.97 6.00 -2.77
CA TYR A 81 11.86 7.04 -2.29
C TYR A 81 13.09 7.08 -3.20
N TRP A 82 13.66 5.90 -3.41
CA TRP A 82 14.86 5.78 -4.23
C TRP A 82 14.59 6.29 -5.66
N ALA A 83 13.51 5.81 -6.28
CA ALA A 83 13.14 6.18 -7.66
C ALA A 83 12.95 7.71 -7.83
N LEU A 84 12.17 8.30 -6.92
CA LEU A 84 11.86 9.71 -7.00
C LEU A 84 13.08 10.56 -6.76
N THR A 85 13.93 10.18 -5.80
CA THR A 85 15.14 10.97 -5.54
C THR A 85 16.15 10.84 -6.70
N THR A 86 16.31 9.62 -7.19
CA THR A 86 17.17 9.31 -8.35
C THR A 86 16.86 10.24 -9.54
N ILE A 87 15.59 10.49 -9.80
CA ILE A 87 15.21 11.35 -10.93
C ILE A 87 15.22 12.84 -10.58
N GLY A 88 15.33 13.14 -9.29
CA GLY A 88 15.60 14.49 -8.80
C GLY A 88 14.46 15.17 -7.99
N PHE A 89 13.45 14.42 -7.60
CA PHE A 89 12.44 14.95 -6.64
C PHE A 89 13.01 15.08 -5.22
N GLU A 90 12.76 16.23 -4.58
CA GLU A 90 13.12 16.38 -3.19
C GLU A 90 12.10 15.58 -2.35
N THR A 91 12.60 14.49 -1.77
CA THR A 91 11.73 13.52 -1.13
C THR A 91 12.24 13.27 0.26
N THR A 92 11.32 13.10 1.19
CA THR A 92 11.62 12.89 2.60
C THR A 92 10.83 11.69 3.12
N MET A 93 11.52 10.77 3.82
CA MET A 93 10.88 9.66 4.54
C MET A 93 10.26 10.15 5.85
N LEU A 94 9.02 9.75 6.07
CA LEU A 94 8.29 10.10 7.31
C LEU A 94 7.77 8.84 7.96
N GLY A 95 7.66 8.88 9.29
CA GLY A 95 7.22 7.76 10.06
C GLY A 95 5.79 7.95 10.58
N GLY A 96 5.02 6.88 10.52
CA GLY A 96 3.60 6.91 10.80
C GLY A 96 3.09 5.90 11.78
N TYR A 97 1.88 6.15 12.28
CA TYR A 97 1.23 5.36 13.33
C TYR A 97 -0.15 5.01 12.81
N VAL A 98 -0.46 3.73 12.81
CA VAL A 98 -1.62 3.25 12.11
C VAL A 98 -2.81 3.14 13.05
N TYR A 99 -3.96 3.62 12.58
CA TYR A 99 -5.15 3.57 13.39
C TYR A 99 -5.76 2.17 13.49
N SER A 100 -6.12 1.81 14.71
CA SER A 100 -6.84 0.57 14.99
C SER A 100 -8.28 0.89 15.36
N THR A 101 -9.21 0.46 14.54
CA THR A 101 -10.65 0.69 14.77
C THR A 101 -11.12 0.01 16.06
N PRO A 102 -10.75 -1.28 16.27
CA PRO A 102 -11.18 -1.91 17.53
C PRO A 102 -10.64 -1.21 18.78
N ALA A 103 -9.37 -0.78 18.75
CA ALA A 103 -8.74 -0.12 19.88
C ALA A 103 -9.06 1.40 20.00
N LYS A 104 -9.56 2.02 18.91
CA LYS A 104 -9.80 3.48 18.86
C LYS A 104 -8.53 4.26 19.22
N LYS A 105 -7.38 3.77 18.75
CA LYS A 105 -6.11 4.38 19.02
C LYS A 105 -5.22 4.21 17.81
N TYR A 106 -4.23 5.06 17.70
CA TYR A 106 -3.16 4.88 16.74
C TYR A 106 -2.11 4.00 17.39
N SER A 107 -1.39 3.23 16.59
CA SER A 107 -0.34 2.38 17.10
C SER A 107 0.75 3.14 17.88
N THR A 108 1.23 2.50 18.95
CA THR A 108 2.35 3.06 19.71
C THR A 108 3.62 3.11 18.86
N GLY A 109 3.88 2.03 18.14
CA GLY A 109 5.05 1.94 17.33
C GLY A 109 4.91 2.72 16.03
N MET A 110 6.03 3.21 15.54
CA MET A 110 6.11 3.88 14.26
C MET A 110 6.23 2.80 13.16
N ILE A 111 5.08 2.19 12.89
CA ILE A 111 4.97 0.98 12.04
C ILE A 111 4.67 1.23 10.53
N HIS A 112 4.53 2.50 10.15
CA HIS A 112 4.34 2.88 8.74
C HIS A 112 5.41 3.86 8.29
N LEU A 113 5.77 3.75 7.02
CA LEU A 113 6.72 4.64 6.33
C LEU A 113 5.94 5.22 5.16
N LEU A 114 5.94 6.55 5.06
CA LEU A 114 5.34 7.27 3.93
C LEU A 114 6.34 8.34 3.48
N LEU A 115 6.00 9.04 2.43
CA LEU A 115 6.91 10.01 1.84
C LEU A 115 6.31 11.40 1.75
N GLN A 116 7.18 12.41 1.86
CA GLN A 116 6.85 13.79 1.49
C GLN A 116 7.66 14.16 0.24
N VAL A 117 6.98 14.73 -0.73
CA VAL A 117 7.63 15.28 -1.93
C VAL A 117 7.31 16.76 -2.01
N THR A 118 8.35 17.56 -2.27
CA THR A 118 8.24 19.01 -2.44
C THR A 118 8.51 19.33 -3.90
N ILE A 119 7.66 20.16 -4.47
CA ILE A 119 7.74 20.56 -5.91
C ILE A 119 7.46 22.05 -5.94
N ASP A 120 8.47 22.87 -6.24
CA ASP A 120 8.28 24.32 -6.37
C ASP A 120 7.59 24.91 -5.12
N GLY A 121 8.09 24.57 -3.94
CA GLY A 121 7.54 25.14 -2.70
C GLY A 121 6.22 24.52 -2.22
N ARG A 122 5.68 23.55 -2.96
CA ARG A 122 4.39 22.92 -2.61
C ARG A 122 4.70 21.52 -2.07
N ASN A 123 4.09 21.16 -0.95
CA ASN A 123 4.40 19.91 -0.28
C ASN A 123 3.28 18.95 -0.45
N TYR A 124 3.67 17.69 -0.72
CA TYR A 124 2.75 16.58 -1.01
C TYR A 124 3.11 15.38 -0.17
N ILE A 125 2.08 14.60 0.16
CA ILE A 125 2.28 13.31 0.81
C ILE A 125 2.07 12.26 -0.25
N VAL A 126 3.01 11.31 -0.30
CA VAL A 126 2.99 10.19 -1.26
C VAL A 126 3.23 8.84 -0.52
N ASP A 127 2.40 7.85 -0.81
CA ASP A 127 2.41 6.57 -0.15
C ASP A 127 1.91 5.54 -1.16
N ALA A 128 2.76 4.57 -1.47
CA ALA A 128 2.41 3.45 -2.34
C ALA A 128 2.32 2.13 -1.54
N GLY A 129 2.29 2.21 -0.21
CA GLY A 129 2.56 1.06 0.64
C GLY A 129 1.65 0.87 1.86
N PHE A 130 0.38 1.27 1.72
CA PHE A 130 -0.62 1.00 2.77
C PHE A 130 -1.69 -0.01 2.30
N GLY A 131 -2.08 0.11 1.02
CA GLY A 131 -2.80 -0.95 0.35
C GLY A 131 -4.31 -0.87 0.43
N ARG A 132 -4.94 -1.84 -0.24
CA ARG A 132 -6.37 -2.08 -0.20
C ARG A 132 -7.10 -0.82 -0.65
N SER A 133 -8.22 -0.50 -0.02
CA SER A 133 -9.02 0.69 -0.38
C SER A 133 -8.66 1.94 0.46
N TYR A 134 -7.50 1.87 1.11
CA TYR A 134 -6.86 2.97 1.85
C TYR A 134 -5.79 3.70 1.01
N GLN A 135 -5.59 3.25 -0.24
CA GLN A 135 -4.52 3.66 -1.07
C GLN A 135 -4.88 4.91 -1.90
N MET A 136 -4.15 6.00 -1.66
CA MET A 136 -4.31 7.19 -2.47
C MET A 136 -3.96 6.90 -3.97
N TRP A 137 -4.66 7.55 -4.86
CA TRP A 137 -4.37 7.46 -6.29
C TRP A 137 -3.62 8.67 -6.81
N GLN A 138 -3.60 9.71 -6.00
CA GLN A 138 -2.85 10.93 -6.31
C GLN A 138 -2.16 11.43 -5.07
N PRO A 139 -1.01 12.15 -5.24
CA PRO A 139 -0.36 12.81 -4.13
C PRO A 139 -1.35 13.76 -3.41
N LEU A 140 -1.26 13.79 -2.10
CA LEU A 140 -2.11 14.68 -1.31
C LEU A 140 -1.35 15.93 -0.88
N GLU A 141 -1.92 17.09 -1.17
CA GLU A 141 -1.34 18.34 -0.74
C GLU A 141 -1.35 18.40 0.77
N LEU A 142 -0.29 18.93 1.36
CA LEU A 142 -0.14 19.00 2.80
C LEU A 142 -0.82 20.29 3.27
N ILE A 143 -2.15 20.25 3.31
CA ILE A 143 -2.99 21.42 3.63
C ILE A 143 -4.05 20.99 4.66
N SER A 144 -3.91 21.47 5.91
CA SER A 144 -4.70 20.98 7.02
C SER A 144 -6.20 21.22 6.84
N GLY A 145 -6.94 20.14 6.69
CA GLY A 145 -8.41 20.16 6.67
C GLY A 145 -9.04 20.25 5.29
N LYS A 146 -8.21 20.35 4.25
CA LYS A 146 -8.69 20.48 2.90
C LYS A 146 -9.23 19.12 2.43
N ASP A 147 -10.42 19.13 1.86
CA ASP A 147 -11.02 17.95 1.22
C ASP A 147 -10.33 17.68 -0.13
N GLN A 148 -9.85 16.45 -0.32
CA GLN A 148 -9.14 16.06 -1.53
C GLN A 148 -9.83 14.82 -2.14
N PRO A 149 -10.88 15.06 -2.95
CA PRO A 149 -11.61 13.97 -3.59
C PRO A 149 -10.73 13.24 -4.62
N GLN A 150 -10.75 11.92 -4.54
CA GLN A 150 -10.06 11.05 -5.50
C GLN A 150 -11.01 9.90 -5.83
N VAL A 151 -10.64 9.09 -6.81
CA VAL A 151 -11.49 7.95 -7.16
C VAL A 151 -11.81 7.03 -5.97
N PRO A 152 -10.76 6.63 -5.17
CA PRO A 152 -11.08 5.72 -4.05
C PRO A 152 -12.02 6.29 -2.97
N CYS A 153 -11.99 7.60 -2.77
CA CYS A 153 -12.62 8.26 -1.64
C CYS A 153 -12.17 9.69 -1.60
N VAL A 154 -12.85 10.47 -0.75
CA VAL A 154 -12.34 11.77 -0.36
C VAL A 154 -11.30 11.54 0.75
N PHE A 155 -10.08 12.06 0.54
CA PHE A 155 -9.03 12.06 1.55
C PHE A 155 -8.94 13.43 2.23
N ARG A 156 -8.50 13.41 3.48
CA ARG A 156 -8.21 14.59 4.27
C ARG A 156 -6.96 14.39 5.09
N LEU A 157 -6.06 15.35 5.01
CA LEU A 157 -4.94 15.48 5.95
C LEU A 157 -5.26 16.63 6.88
N THR A 158 -5.22 16.37 8.18
CA THR A 158 -5.47 17.39 9.20
C THR A 158 -4.36 17.36 10.23
N GLU A 159 -3.89 18.55 10.57
CA GLU A 159 -2.86 18.77 11.58
C GLU A 159 -3.53 19.06 12.92
N GLU A 160 -3.00 18.44 13.97
CA GLU A 160 -3.39 18.71 15.36
C GLU A 160 -2.19 18.46 16.28
N ASN A 161 -1.77 19.48 17.01
CA ASN A 161 -0.67 19.36 17.99
C ASN A 161 0.61 18.70 17.48
N GLY A 162 1.04 19.09 16.28
CA GLY A 162 2.28 18.57 15.71
C GLY A 162 2.16 17.23 15.02
N PHE A 163 0.99 16.59 15.09
CA PHE A 163 0.70 15.38 14.30
C PHE A 163 -0.21 15.70 13.11
N TRP A 164 0.06 15.00 12.02
CA TRP A 164 -0.78 15.01 10.83
C TRP A 164 -1.55 13.70 10.78
N TYR A 165 -2.80 13.81 10.36
CA TYR A 165 -3.77 12.72 10.35
C TYR A 165 -4.28 12.56 8.92
N LEU A 166 -4.11 11.35 8.38
CA LEU A 166 -4.76 10.93 7.14
C LEU A 166 -6.08 10.17 7.41
N ASP A 167 -7.19 10.77 6.99
CA ASP A 167 -8.52 10.19 7.09
C ASP A 167 -9.14 10.05 5.69
N GLN A 168 -10.19 9.25 5.57
CA GLN A 168 -10.93 9.12 4.31
C GLN A 168 -12.43 9.06 4.57
N ILE A 169 -13.18 9.51 3.58
CA ILE A 169 -14.62 9.36 3.60
C ILE A 169 -14.93 8.44 2.44
N ARG A 170 -15.41 7.27 2.80
CA ARG A 170 -15.66 6.18 1.87
C ARG A 170 -17.12 6.21 1.41
N ARG A 171 -17.37 5.63 0.25
CA ARG A 171 -18.73 5.31 -0.21
C ARG A 171 -19.40 4.17 0.54
N GLU A 172 -20.72 4.09 0.37
CA GLU A 172 -21.47 2.87 0.62
C GLU A 172 -20.79 1.68 -0.04
N GLN A 173 -20.73 0.55 0.68
CA GLN A 173 -20.25 -0.71 0.14
C GLN A 173 -21.46 -1.58 -0.21
N TYR A 174 -21.46 -2.11 -1.43
CA TYR A 174 -22.50 -3.02 -1.87
C TYR A 174 -21.89 -4.41 -2.05
N ILE A 175 -22.34 -5.35 -1.23
CA ILE A 175 -21.85 -6.73 -1.18
C ILE A 175 -22.99 -7.64 -1.74
N PRO A 176 -22.93 -7.95 -3.04
CA PRO A 176 -24.04 -8.71 -3.66
C PRO A 176 -24.16 -10.16 -3.17
N ASN A 177 -23.10 -10.70 -2.57
CA ASN A 177 -23.16 -12.01 -1.90
C ASN A 177 -23.36 -11.87 -0.40
N GLU A 178 -24.62 -11.96 0.03
CA GLU A 178 -24.96 -11.89 1.46
C GLU A 178 -24.17 -12.85 2.37
N GLU A 179 -23.65 -13.97 1.84
CA GLU A 179 -22.82 -14.86 2.69
C GLU A 179 -21.55 -14.18 3.20
N PHE A 180 -21.13 -13.11 2.54
CA PHE A 180 -19.92 -12.36 2.92
C PHE A 180 -20.23 -11.03 3.58
N LEU A 181 -21.50 -10.80 3.90
CA LEU A 181 -21.96 -9.52 4.40
C LEU A 181 -21.25 -9.15 5.70
N HIS A 182 -20.95 -10.14 6.54
CA HIS A 182 -20.20 -9.88 7.78
C HIS A 182 -18.77 -10.43 7.76
N SER A 183 -18.14 -10.41 6.60
CA SER A 183 -16.73 -10.78 6.52
C SER A 183 -15.93 -9.93 7.52
N ASP A 184 -14.93 -10.53 8.16
CA ASP A 184 -14.00 -9.77 9.03
C ASP A 184 -13.11 -8.79 8.25
N LEU A 185 -13.15 -8.91 6.92
CA LEU A 185 -12.44 -8.05 6.01
C LEU A 185 -13.12 -6.71 5.79
N LEU A 186 -14.36 -6.59 6.26
CA LEU A 186 -15.17 -5.41 6.02
C LEU A 186 -15.38 -4.67 7.31
N GLU A 187 -15.44 -3.36 7.22
CA GLU A 187 -15.99 -2.56 8.28
C GLU A 187 -16.98 -1.56 7.69
N ASP A 188 -17.86 -1.09 8.54
CA ASP A 188 -19.06 -0.39 8.16
C ASP A 188 -18.99 1.14 8.38
N SER A 189 -17.79 1.69 8.52
CA SER A 189 -17.67 3.12 8.74
C SER A 189 -17.46 3.82 7.40
N LYS A 190 -18.06 4.99 7.21
CA LYS A 190 -17.75 5.78 6.03
C LYS A 190 -16.51 6.65 6.32
N TYR A 191 -16.53 7.37 7.45
CA TYR A 191 -15.36 8.15 7.90
C TYR A 191 -14.39 7.21 8.57
N ARG A 192 -13.22 7.02 7.98
CA ARG A 192 -12.23 6.07 8.53
C ARG A 192 -10.91 6.81 8.76
N LYS A 193 -10.39 6.72 9.99
CA LYS A 193 -9.07 7.25 10.30
C LYS A 193 -8.08 6.21 9.79
N ILE A 194 -7.04 6.64 9.07
CA ILE A 194 -6.11 5.69 8.46
C ILE A 194 -4.82 5.65 9.25
N TYR A 195 -4.12 6.78 9.30
CA TYR A 195 -2.89 6.85 10.07
C TYR A 195 -2.56 8.28 10.45
N SER A 196 -1.61 8.39 11.36
CA SER A 196 -1.05 9.67 11.78
C SER A 196 0.46 9.67 11.53
N PHE A 197 1.07 10.85 11.56
CA PHE A 197 2.49 10.94 11.32
C PHE A 197 2.98 12.32 11.73
N THR A 198 4.30 12.48 11.77
CA THR A 198 4.90 13.81 11.91
C THR A 198 5.82 14.08 10.71
N LEU A 199 6.19 15.35 10.54
CA LEU A 199 6.98 15.79 9.41
C LEU A 199 8.49 15.65 9.70
N LYS A 200 8.82 15.01 10.82
CA LYS A 200 10.22 14.83 11.19
C LYS A 200 10.94 13.92 10.15
N PRO A 201 12.00 14.42 9.50
CA PRO A 201 12.66 13.58 8.51
C PRO A 201 13.29 12.32 9.15
N ARG A 202 13.09 11.17 8.49
CA ARG A 202 13.55 9.85 8.93
C ARG A 202 14.55 9.30 7.90
N THR A 203 15.32 8.28 8.30
CA THR A 203 16.12 7.44 7.39
C THR A 203 15.62 6.02 7.60
N ILE A 204 16.00 5.11 6.71
CA ILE A 204 15.53 3.72 6.77
C ILE A 204 15.99 3.07 8.08
N GLU A 205 17.14 3.52 8.60
CA GLU A 205 17.69 2.97 9.85
C GLU A 205 16.77 3.21 11.05
N ASP A 206 15.94 4.24 10.97
CA ASP A 206 14.89 4.46 11.97
C ASP A 206 13.81 3.36 12.06
N PHE A 207 13.79 2.46 11.09
CA PHE A 207 12.79 1.39 11.04
C PHE A 207 13.39 0.00 11.20
N GLU A 208 14.66 -0.06 11.57
CA GLU A 208 15.37 -1.33 11.76
C GLU A 208 14.63 -2.21 12.80
N SER A 209 14.34 -1.65 13.96
CA SER A 209 13.68 -2.41 15.05
C SER A 209 12.28 -2.85 14.67
N MET A 210 11.53 -1.92 14.06
CA MET A 210 10.19 -2.17 13.62
CA MET A 210 10.18 -2.20 13.65
C MET A 210 10.14 -3.24 12.53
N ASN A 211 11.12 -3.21 11.62
CA ASN A 211 11.20 -4.24 10.57
C ASN A 211 11.17 -5.67 11.19
N THR A 212 11.99 -5.88 12.24
CA THR A 212 12.05 -7.19 12.90
C THR A 212 10.74 -7.49 13.62
N TYR A 213 10.28 -6.51 14.38
CA TYR A 213 9.08 -6.65 15.17
C TYR A 213 7.87 -6.99 14.33
N LEU A 214 7.69 -6.28 13.22
CA LEU A 214 6.50 -6.47 12.37
C LEU A 214 6.41 -7.83 11.72
N GLN A 215 7.55 -8.50 11.51
CA GLN A 215 7.57 -9.83 10.90
C GLN A 215 7.72 -10.99 11.88
N THR A 216 7.82 -10.70 13.17
CA THR A 216 8.05 -11.74 14.18
C THR A 216 6.99 -11.76 15.33
N SER A 217 6.44 -10.60 15.70
CA SER A 217 5.46 -10.50 16.76
C SER A 217 4.07 -11.06 16.44
N PRO A 218 3.51 -11.91 17.36
CA PRO A 218 2.10 -12.32 17.27
C PRO A 218 1.08 -11.18 17.32
N SER A 219 1.50 -10.02 17.79
CA SER A 219 0.66 -8.81 17.80
C SER A 219 0.55 -8.15 16.42
N SER A 220 1.43 -8.53 15.50
CA SER A 220 1.51 -7.87 14.20
C SER A 220 0.51 -8.49 13.25
N VAL A 221 -0.30 -7.65 12.64
CA VAL A 221 -1.18 -8.10 11.59
C VAL A 221 -0.42 -8.89 10.50
N PHE A 222 0.86 -8.58 10.31
CA PHE A 222 1.66 -9.17 9.23
C PHE A 222 1.99 -10.67 9.44
N THR A 223 2.06 -11.08 10.71
CA THR A 223 2.21 -12.50 11.03
C THR A 223 0.84 -13.23 11.23
N SER A 224 -0.23 -12.48 11.45
CA SER A 224 -1.57 -13.04 11.63
C SER A 224 -2.26 -13.48 10.32
N LYS A 225 -2.09 -12.66 9.28
CA LYS A 225 -2.73 -12.88 7.98
C LYS A 225 -1.73 -12.75 6.86
N SER A 226 -1.93 -13.56 5.81
CA SER A 226 -1.22 -13.43 4.54
C SER A 226 -2.09 -12.63 3.57
N PHE A 227 -1.50 -11.68 2.88
CA PHE A 227 -2.30 -10.86 2.02
C PHE A 227 -1.52 -10.23 0.92
N CYS A 228 -2.23 -9.83 -0.12
CA CYS A 228 -1.66 -9.01 -1.17
C CYS A 228 -2.78 -8.20 -1.81
N SER A 229 -2.49 -6.95 -2.11
CA SER A 229 -3.39 -6.06 -2.86
C SER A 229 -2.70 -5.32 -4.00
N LEU A 230 -3.50 -4.97 -5.00
CA LEU A 230 -3.04 -4.31 -6.19
C LEU A 230 -4.19 -3.40 -6.63
N GLN A 231 -3.85 -2.18 -7.01
CA GLN A 231 -4.82 -1.26 -7.55
C GLN A 231 -4.99 -1.54 -9.03
N THR A 232 -6.20 -1.26 -9.52
CA THR A 232 -6.50 -1.33 -10.96
C THR A 232 -7.03 0.03 -11.42
N PRO A 233 -7.23 0.23 -12.75
CA PRO A 233 -7.85 1.49 -13.20
C PRO A 233 -9.22 1.82 -12.58
N ASP A 234 -9.94 0.84 -12.04
CA ASP A 234 -11.28 1.13 -11.48
C ASP A 234 -11.57 0.57 -10.08
N GLY A 235 -10.54 0.05 -9.41
CA GLY A 235 -10.74 -0.51 -8.10
C GLY A 235 -9.53 -1.18 -7.51
N VAL A 236 -9.77 -2.20 -6.70
CA VAL A 236 -8.67 -2.90 -5.99
C VAL A 236 -8.90 -4.39 -5.92
N HIS A 237 -7.87 -5.20 -6.27
CA HIS A 237 -7.86 -6.62 -5.93
C HIS A 237 -7.14 -6.80 -4.58
N CYS A 238 -7.71 -7.65 -3.71
CA CYS A 238 -7.04 -8.00 -2.48
CA CYS A 238 -7.09 -7.99 -2.43
C CYS A 238 -7.35 -9.45 -2.09
N LEU A 239 -6.29 -10.21 -1.87
CA LEU A 239 -6.39 -11.56 -1.37
C LEU A 239 -5.98 -11.51 0.11
N VAL A 240 -6.82 -12.04 1.00
CA VAL A 240 -6.48 -12.17 2.43
C VAL A 240 -6.72 -13.61 2.82
N GLY A 241 -5.66 -14.32 3.18
CA GLY A 241 -5.77 -15.77 3.45
C GLY A 241 -6.25 -16.53 2.21
N PHE A 242 -7.43 -17.15 2.29
CA PHE A 242 -8.04 -17.85 1.16
C PHE A 242 -9.15 -17.04 0.50
N THR A 243 -9.33 -15.81 0.95
CA THR A 243 -10.48 -15.00 0.51
C THR A 243 -10.02 -13.94 -0.48
N LEU A 244 -10.44 -14.12 -1.74
CA LEU A 244 -10.20 -13.15 -2.81
C LEU A 244 -11.34 -12.16 -2.96
N THR A 245 -10.95 -10.91 -3.04
CA THR A 245 -11.88 -9.78 -3.16
C THR A 245 -11.52 -8.85 -4.32
N HIS A 246 -12.54 -8.24 -4.89
CA HIS A 246 -12.38 -7.23 -5.89
C HIS A 246 -13.37 -6.13 -5.58
N ARG A 247 -12.85 -4.92 -5.38
CA ARG A 247 -13.67 -3.74 -5.19
C ARG A 247 -13.68 -2.95 -6.48
N ARG A 248 -14.89 -2.58 -6.93
CA ARG A 248 -15.04 -1.64 -8.02
C ARG A 248 -15.58 -0.32 -7.46
N PHE A 249 -14.76 0.73 -7.57
CA PHE A 249 -15.08 2.04 -6.99
C PHE A 249 -16.22 2.70 -7.74
N ASN A 250 -17.18 3.22 -6.99
CA ASN A 250 -18.26 4.02 -7.56
C ASN A 250 -18.89 3.30 -8.72
N TYR A 251 -19.23 2.04 -8.46
CA TYR A 251 -19.84 1.15 -9.41
C TYR A 251 -21.19 1.68 -9.89
N LYS A 252 -22.02 2.09 -8.94
CA LYS A 252 -23.36 2.64 -9.20
C LYS A 252 -23.89 3.32 -7.95
N ASP A 253 -24.65 4.40 -8.12
CA ASP A 253 -25.36 5.05 -7.00
C ASP A 253 -24.42 5.43 -5.84
N ASN A 254 -23.29 6.07 -6.15
CA ASN A 254 -22.27 6.42 -5.13
C ASN A 254 -21.94 5.27 -4.17
N THR A 255 -21.83 4.06 -4.73
CA THR A 255 -21.57 2.86 -3.94
C THR A 255 -20.38 2.13 -4.55
N ASP A 256 -19.62 1.44 -3.72
CA ASP A 256 -18.53 0.57 -4.24
C ASP A 256 -19.08 -0.85 -4.24
N LEU A 257 -18.72 -1.64 -5.26
CA LEU A 257 -19.14 -3.02 -5.39
C LEU A 257 -17.99 -3.86 -4.88
N ILE A 258 -18.26 -4.68 -3.88
CA ILE A 258 -17.26 -5.66 -3.44
C ILE A 258 -17.71 -7.12 -3.70
N GLU A 259 -16.93 -7.81 -4.53
CA GLU A 259 -17.14 -9.20 -4.87
C GLU A 259 -16.12 -10.10 -4.10
N PHE A 260 -16.59 -11.26 -3.66
CA PHE A 260 -15.83 -12.19 -2.83
C PHE A 260 -15.78 -13.57 -3.49
N LYS A 261 -14.67 -14.29 -3.29
CA LYS A 261 -14.52 -15.70 -3.69
C LYS A 261 -13.59 -16.42 -2.70
N THR A 262 -14.04 -17.55 -2.17
CA THR A 262 -13.18 -18.39 -1.35
C THR A 262 -12.43 -19.33 -2.28
N LEU A 263 -11.10 -19.26 -2.21
CA LEU A 263 -10.23 -20.10 -2.99
C LEU A 263 -9.79 -21.36 -2.23
N SER A 264 -9.62 -22.44 -2.98
CA SER A 264 -8.96 -23.65 -2.48
CA SER A 264 -8.95 -23.64 -2.47
C SER A 264 -7.44 -23.50 -2.60
N GLU A 265 -6.71 -24.37 -1.92
CA GLU A 265 -5.25 -24.32 -1.93
C GLU A 265 -4.66 -24.36 -3.34
N GLU A 266 -5.23 -25.18 -4.22
CA GLU A 266 -4.72 -25.31 -5.58
C GLU A 266 -4.86 -24.04 -6.44
N GLU A 267 -5.86 -23.21 -6.14
CA GLU A 267 -6.11 -21.95 -6.84
C GLU A 267 -5.19 -20.79 -6.45
N ILE A 268 -4.67 -20.83 -5.23
CA ILE A 268 -3.84 -19.70 -4.71
C ILE A 268 -2.72 -19.33 -5.68
N GLU A 269 -1.92 -20.32 -6.10
CA GLU A 269 -0.78 -20.09 -6.98
C GLU A 269 -1.19 -19.45 -8.29
N LYS A 270 -2.28 -19.94 -8.84
CA LYS A 270 -2.78 -19.43 -10.12
C LYS A 270 -3.28 -17.97 -10.02
N VAL A 271 -4.05 -17.66 -8.99
CA VAL A 271 -4.56 -16.30 -8.75
C VAL A 271 -3.39 -15.33 -8.51
N LEU A 272 -2.40 -15.78 -7.76
CA LEU A 272 -1.21 -14.94 -7.47
C LEU A 272 -0.53 -14.52 -8.76
N LYS A 273 -0.34 -15.47 -9.67
CA LYS A 273 0.23 -15.18 -10.98
C LYS A 273 -0.71 -14.35 -11.86
N ASN A 274 -1.93 -14.84 -12.05
CA ASN A 274 -2.87 -14.23 -12.99
C ASN A 274 -3.37 -12.84 -12.59
N ILE A 275 -3.60 -12.64 -11.31
CA ILE A 275 -4.16 -11.34 -10.87
C ILE A 275 -3.06 -10.39 -10.39
N PHE A 276 -2.11 -10.92 -9.65
CA PHE A 276 -1.06 -10.09 -8.98
C PHE A 276 0.36 -10.12 -9.59
N ASN A 277 0.57 -11.00 -10.56
CA ASN A 277 1.89 -11.29 -11.14
C ASN A 277 2.96 -11.64 -10.13
N ILE A 278 2.53 -12.38 -9.11
CA ILE A 278 3.37 -12.88 -8.09
C ILE A 278 3.64 -14.36 -8.37
N SER A 279 4.93 -14.68 -8.49
CA SER A 279 5.41 -16.06 -8.53
C SER A 279 6.31 -16.27 -7.33
N LEU A 280 6.05 -17.30 -6.55
CA LEU A 280 6.77 -17.55 -5.34
C LEU A 280 7.82 -18.67 -5.57
N GLN A 281 8.93 -18.61 -4.84
CA GLN A 281 9.99 -19.65 -4.94
C GLN A 281 9.97 -20.65 -3.77
N ARG A 282 9.22 -20.35 -2.72
CA ARG A 282 8.89 -21.33 -1.67
C ARG A 282 7.39 -21.38 -1.49
N LYS A 283 6.90 -22.49 -0.92
CA LYS A 283 5.46 -22.71 -0.74
C LYS A 283 4.84 -21.70 0.24
N LEU A 284 3.78 -21.03 -0.20
CA LEU A 284 2.96 -20.20 0.68
C LEU A 284 2.04 -21.06 1.55
N VAL A 285 2.00 -20.76 2.83
CA VAL A 285 1.00 -21.26 3.73
C VAL A 285 0.04 -20.10 4.03
N PRO A 286 -1.12 -20.06 3.33
CA PRO A 286 -2.06 -18.97 3.52
C PRO A 286 -2.62 -19.00 4.92
N LYS A 287 -2.74 -17.83 5.52
CA LYS A 287 -3.16 -17.74 6.88
C LYS A 287 -4.20 -16.64 7.04
N HIS A 288 -5.24 -16.93 7.82
CA HIS A 288 -6.30 -15.95 8.10
C HIS A 288 -6.52 -15.91 9.60
N GLY A 289 -5.56 -15.32 10.31
CA GLY A 289 -5.63 -15.14 11.78
C GLY A 289 -6.57 -14.03 12.19
N ASP A 290 -6.51 -13.62 13.46
CA ASP A 290 -7.58 -12.80 14.01
C ASP A 290 -7.25 -11.32 14.18
N ARG A 291 -6.07 -10.88 13.75
CA ARG A 291 -5.68 -9.49 13.95
C ARG A 291 -6.45 -8.60 12.98
N PHE A 292 -7.02 -7.53 13.51
CA PHE A 292 -7.87 -6.63 12.73
C PHE A 292 -7.18 -6.15 11.46
N PHE A 293 -7.82 -6.42 10.34
CA PHE A 293 -7.30 -6.06 9.01
C PHE A 293 -8.47 -6.00 8.04
N THR A 294 -8.77 -4.83 7.51
CA THR A 294 -9.87 -4.70 6.57
C THR A 294 -9.38 -4.24 5.18
N ILE A 295 -10.22 -4.48 4.16
CA ILE A 295 -9.82 -4.15 2.79
CA ILE A 295 -9.89 -4.18 2.76
C ILE A 295 -10.43 -2.82 2.33
#